data_4I0C
#
_entry.id   4I0C
#
_cell.length_a   96.321
_cell.length_b   96.321
_cell.length_c   156.750
_cell.angle_alpha   90.00
_cell.angle_beta   90.00
_cell.angle_gamma   90.00
#
_symmetry.space_group_name_H-M   'P 43 21 2'
#
loop_
_entity.id
_entity.type
_entity.pdbx_description
1 polymer 'Lysozyme C'
2 polymer 'cAbHuL5 antibody'
3 non-polymer 'CHLORIDE ION'
4 non-polymer GLYCEROL
5 water water
#
loop_
_entity_poly.entity_id
_entity_poly.type
_entity_poly.pdbx_seq_one_letter_code
_entity_poly.pdbx_strand_id
1 'polypeptide(L)'
;KVFERCELARTLKRLGMDGYRGISLANWMCLAKWESGYNTRATNYNAGDRSTDYGIFQINSRYWCNDGKTPGAVNACHLS
CSALLQDNIADAVACAKRVVRDPQGIRAWVAWRNRCQNRDVRQYVQGCGV
;
A,B
2 'polypeptide(L)'
;QVQLQESGGGSVQAGGSLRLSCEASGLSTTVMAWFRQAPGKEREGVAAIYTGDGFPYYADSVKGRFTISQDNAKNRMYLQ
MNSLEPEDTAMYYCAAKTGAFSYGSLWWMSRAYNHWGQGTQVTVSSHHHHHH
;
C,D
#
loop_
_chem_comp.id
_chem_comp.type
_chem_comp.name
_chem_comp.formula
CL non-polymer 'CHLORIDE ION' 'Cl -1'
GOL non-polymer GLYCEROL 'C3 H8 O3'
#
# COMPACT_ATOMS: atom_id res chain seq x y z
N LYS A 1 -18.53 29.67 -53.08
CA LYS A 1 -17.39 28.81 -53.40
C LYS A 1 -17.65 27.36 -53.00
N VAL A 2 -17.24 26.42 -53.85
CA VAL A 2 -17.26 25.01 -53.48
C VAL A 2 -15.83 24.56 -53.16
N PHE A 3 -15.55 24.24 -51.90
CA PHE A 3 -14.21 23.76 -51.56
C PHE A 3 -13.92 22.40 -52.16
N GLU A 4 -12.64 22.16 -52.46
CA GLU A 4 -12.16 20.80 -52.69
C GLU A 4 -11.99 20.12 -51.34
N ARG A 5 -12.17 18.80 -51.32
CA ARG A 5 -12.06 18.02 -50.09
C ARG A 5 -10.83 18.41 -49.24
N CYS A 6 -9.62 18.16 -49.74
CA CYS A 6 -8.44 18.42 -48.90
C CYS A 6 -8.23 19.92 -48.64
N GLU A 7 -8.60 20.76 -49.60
CA GLU A 7 -8.59 22.22 -49.37
C GLU A 7 -9.40 22.57 -48.13
N LEU A 8 -10.62 22.05 -48.05
CA LEU A 8 -11.47 22.33 -46.88
C LEU A 8 -10.88 21.74 -45.60
N ALA A 9 -10.37 20.51 -45.67
CA ALA A 9 -9.78 19.89 -44.48
C ALA A 9 -8.68 20.77 -43.89
N ARG A 10 -7.78 21.25 -44.74
CA ARG A 10 -6.67 22.09 -44.28
C ARG A 10 -7.20 23.41 -43.70
N THR A 11 -8.27 23.93 -44.30
CA THR A 11 -8.82 25.20 -43.86
C THR A 11 -9.47 25.08 -42.48
N LEU A 12 -10.27 24.04 -42.30
CA LEU A 12 -10.91 23.79 -41.00
C LEU A 12 -9.83 23.52 -39.95
N LYS A 13 -8.80 22.77 -40.34
CA LYS A 13 -7.68 22.53 -39.43
C LYS A 13 -7.07 23.86 -39.00
N ARG A 14 -6.85 24.74 -39.97
CA ARG A 14 -6.21 26.02 -39.69
C ARG A 14 -7.09 26.87 -38.76
N LEU A 15 -8.42 26.71 -38.84
CA LEU A 15 -9.35 27.47 -38.01
C LEU A 15 -9.68 26.81 -36.66
N GLY A 16 -8.92 25.77 -36.34
CA GLY A 16 -8.99 25.16 -35.01
C GLY A 16 -10.14 24.21 -34.79
N MET A 17 -10.66 23.60 -35.86
CA MET A 17 -11.79 22.69 -35.70
CA MET A 17 -11.79 22.67 -35.78
C MET A 17 -11.39 21.28 -35.32
N ASP A 18 -10.16 20.87 -35.65
CA ASP A 18 -9.77 19.49 -35.42
C ASP A 18 -9.61 19.21 -33.93
N GLY A 19 -10.63 18.58 -33.34
CA GLY A 19 -10.61 18.28 -31.92
C GLY A 19 -11.36 19.30 -31.08
N TYR A 20 -11.96 20.30 -31.72
CA TYR A 20 -12.74 21.29 -30.98
C TYR A 20 -13.88 20.60 -30.22
N ARG A 21 -13.88 20.79 -28.91
CA ARG A 21 -14.84 20.16 -28.02
C ARG A 21 -14.86 18.65 -28.28
N GLY A 22 -13.71 18.09 -28.68
CA GLY A 22 -13.55 16.65 -28.83
C GLY A 22 -14.17 16.10 -30.11
N ILE A 23 -14.42 16.99 -31.09
CA ILE A 23 -14.99 16.57 -32.36
C ILE A 23 -13.90 16.55 -33.44
N SER A 24 -13.72 15.41 -34.11
CA SER A 24 -12.62 15.26 -35.05
C SER A 24 -12.81 16.07 -36.33
N LEU A 25 -11.70 16.41 -36.98
CA LEU A 25 -11.74 17.03 -38.30
C LEU A 25 -12.57 16.14 -39.24
N ALA A 26 -12.44 14.83 -39.10
CA ALA A 26 -13.17 13.92 -39.98
C ALA A 26 -14.67 14.13 -39.87
N ASN A 27 -15.17 14.34 -38.66
CA ASN A 27 -16.59 14.57 -38.48
C ASN A 27 -17.06 15.95 -38.90
N TRP A 28 -16.22 16.96 -38.73
CA TRP A 28 -16.57 18.28 -39.25
C TRP A 28 -16.65 18.24 -40.77
N MET A 29 -15.76 17.49 -41.40
CA MET A 29 -15.76 17.37 -42.85
C MET A 29 -17.04 16.69 -43.31
N CYS A 30 -17.43 15.63 -42.61
CA CYS A 30 -18.61 14.89 -42.99
C CYS A 30 -19.82 15.81 -42.84
N LEU A 31 -19.79 16.67 -41.82
CA LEU A 31 -20.88 17.62 -41.63
C LEU A 31 -21.01 18.57 -42.82
N ALA A 32 -19.90 19.20 -43.19
CA ALA A 32 -19.88 20.10 -44.34
C ALA A 32 -20.29 19.36 -45.61
N LYS A 33 -19.86 18.12 -45.74
CA LYS A 33 -20.21 17.33 -46.93
C LYS A 33 -21.72 17.12 -47.01
N TRP A 34 -22.32 16.68 -45.92
CA TRP A 34 -23.73 16.34 -45.97
C TRP A 34 -24.71 17.48 -45.68
N GLU A 35 -24.20 18.64 -45.27
CA GLU A 35 -25.05 19.83 -45.17
C GLU A 35 -25.12 20.59 -46.50
N SER A 36 -23.98 20.71 -47.19
CA SER A 36 -23.91 21.63 -48.32
C SER A 36 -23.04 21.16 -49.49
N GLY A 37 -22.46 19.97 -49.39
CA GLY A 37 -21.50 19.54 -50.39
C GLY A 37 -20.35 20.52 -50.48
N TYR A 38 -19.91 21.02 -49.33
CA TYR A 38 -18.78 21.95 -49.26
C TYR A 38 -19.03 23.27 -49.99
N ASN A 39 -20.28 23.69 -50.04
CA ASN A 39 -20.65 24.89 -50.80
C ASN A 39 -21.04 26.08 -49.92
N THR A 40 -20.22 27.13 -49.90
CA THR A 40 -20.47 28.29 -49.03
C THR A 40 -21.71 29.06 -49.41
N ARG A 41 -22.20 28.88 -50.63
CA ARG A 41 -23.33 29.69 -51.09
C ARG A 41 -24.67 28.99 -50.87
N ALA A 42 -24.61 27.77 -50.35
CA ALA A 42 -25.81 26.94 -50.19
C ALA A 42 -26.86 27.66 -49.33
N THR A 43 -28.12 27.62 -49.75
CA THR A 43 -29.19 28.11 -48.90
C THR A 43 -30.40 27.20 -49.01
N ASN A 44 -31.11 27.02 -47.91
CA ASN A 44 -32.32 26.21 -47.92
C ASN A 44 -33.44 26.92 -47.17
N TYR A 45 -34.52 27.23 -47.87
CA TYR A 45 -35.63 27.94 -47.24
C TYR A 45 -36.58 26.94 -46.60
N ASN A 46 -37.04 27.25 -45.39
CA ASN A 46 -38.00 26.40 -44.69
C ASN A 46 -39.36 27.09 -44.54
N ALA A 47 -40.26 26.80 -45.47
CA ALA A 47 -41.55 27.49 -45.53
C ALA A 47 -42.33 27.31 -44.23
N GLY A 48 -41.98 26.29 -43.47
CA GLY A 48 -42.66 25.98 -42.22
C GLY A 48 -42.57 27.08 -41.17
N ASP A 49 -41.38 27.65 -40.99
CA ASP A 49 -41.23 28.76 -40.04
C ASP A 49 -40.56 29.96 -40.71
N ARG A 50 -40.52 29.93 -42.03
CA ARG A 50 -39.96 31.06 -42.79
C ARG A 50 -38.48 31.32 -42.46
N SER A 51 -37.81 30.30 -41.94
CA SER A 51 -36.38 30.43 -41.66
C SER A 51 -35.57 29.91 -42.84
N THR A 52 -34.28 30.24 -42.85
CA THR A 52 -33.39 29.78 -43.91
C THR A 52 -32.10 29.23 -43.32
N ASP A 53 -31.60 28.15 -43.92
CA ASP A 53 -30.30 27.59 -43.54
C ASP A 53 -29.22 28.18 -44.45
N TYR A 54 -28.10 28.60 -43.86
CA TYR A 54 -27.07 29.33 -44.61
C TYR A 54 -25.68 28.70 -44.60
N GLY A 55 -25.07 28.64 -45.79
CA GLY A 55 -23.63 28.44 -45.89
C GLY A 55 -23.20 27.00 -45.83
N ILE A 56 -21.90 26.80 -45.62
CA ILE A 56 -21.31 25.48 -45.74
C ILE A 56 -21.84 24.53 -44.67
N PHE A 57 -22.22 25.08 -43.52
CA PHE A 57 -22.78 24.26 -42.43
C PHE A 57 -24.31 24.35 -42.33
N GLN A 58 -24.94 25.12 -43.21
CA GLN A 58 -26.40 25.23 -43.22
C GLN A 58 -26.91 25.64 -41.84
N ILE A 59 -26.39 26.75 -41.34
CA ILE A 59 -26.76 27.30 -40.05
C ILE A 59 -28.10 28.03 -40.19
N ASN A 60 -29.04 27.76 -39.28
CA ASN A 60 -30.43 28.25 -39.44
C ASN A 60 -30.67 29.64 -38.85
N SER A 61 -31.52 30.41 -39.51
CA SER A 61 -31.65 31.83 -39.19
C SER A 61 -32.61 32.11 -38.04
N ARG A 62 -33.33 31.12 -37.54
CA ARG A 62 -34.23 31.40 -36.42
CA ARG A 62 -34.23 31.39 -36.42
C ARG A 62 -33.45 31.58 -35.13
N TYR A 63 -32.49 30.70 -34.87
CA TYR A 63 -31.76 30.78 -33.61
C TYR A 63 -30.38 31.41 -33.70
N TRP A 64 -29.68 31.22 -34.82
CA TRP A 64 -28.22 31.42 -34.85
C TRP A 64 -27.72 32.72 -35.48
N CYS A 65 -28.24 33.07 -36.66
CA CYS A 65 -27.80 34.29 -37.34
C CYS A 65 -28.98 35.16 -37.74
N ASN A 66 -28.70 36.44 -37.95
CA ASN A 66 -29.76 37.40 -38.27
C ASN A 66 -29.88 37.60 -39.77
N ASP A 67 -31.03 37.24 -40.35
CA ASP A 67 -31.27 37.54 -41.78
C ASP A 67 -32.41 38.54 -41.97
N GLY A 68 -32.92 39.07 -40.86
CA GLY A 68 -33.87 40.17 -40.89
C GLY A 68 -35.27 39.81 -41.36
N LYS A 69 -35.49 38.55 -41.68
CA LYS A 69 -36.79 38.14 -42.22
C LYS A 69 -37.31 36.83 -41.64
N THR A 70 -36.78 36.44 -40.48
CA THR A 70 -37.23 35.22 -39.80
C THR A 70 -37.96 35.60 -38.50
N PRO A 71 -39.26 35.29 -38.43
CA PRO A 71 -39.99 35.71 -37.22
C PRO A 71 -39.48 34.98 -35.98
N GLY A 72 -39.52 35.65 -34.82
CA GLY A 72 -39.05 35.06 -33.58
C GLY A 72 -37.57 34.77 -33.55
N ALA A 73 -36.81 35.51 -34.34
CA ALA A 73 -35.39 35.23 -34.50
C ALA A 73 -34.57 35.68 -33.32
N VAL A 74 -33.63 34.81 -32.94
CA VAL A 74 -32.61 35.07 -31.96
C VAL A 74 -31.39 35.08 -32.86
N ASN A 75 -30.31 35.65 -32.37
CA ASN A 75 -29.10 35.80 -33.16
C ASN A 75 -27.99 35.34 -32.23
N ALA A 76 -28.03 34.06 -31.84
CA ALA A 76 -27.11 33.55 -30.82
C ALA A 76 -25.64 33.63 -31.25
N CYS A 77 -25.38 33.53 -32.55
CA CYS A 77 -24.00 33.67 -33.01
C CYS A 77 -23.62 35.12 -33.14
N HIS A 78 -24.62 35.99 -33.05
CA HIS A 78 -24.40 37.41 -33.21
C HIS A 78 -23.65 37.68 -34.53
N LEU A 79 -24.28 37.25 -35.62
CA LEU A 79 -23.72 37.37 -36.96
C LEU A 79 -24.85 37.61 -37.93
N SER A 80 -24.60 38.43 -38.95
CA SER A 80 -25.50 38.49 -40.09
C SER A 80 -25.43 37.14 -40.82
N CYS A 81 -26.56 36.63 -41.27
CA CYS A 81 -26.51 35.35 -41.97
C CYS A 81 -25.68 35.50 -43.25
N SER A 82 -25.66 36.69 -43.82
CA SER A 82 -24.92 36.94 -45.06
C SER A 82 -23.44 36.62 -44.85
N ALA A 83 -22.99 36.73 -43.61
CA ALA A 83 -21.62 36.44 -43.26
C ALA A 83 -21.33 34.96 -43.50
N LEU A 84 -22.40 34.15 -43.48
CA LEU A 84 -22.26 32.71 -43.65
C LEU A 84 -22.37 32.30 -45.11
N LEU A 85 -22.42 33.28 -46.01
CA LEU A 85 -22.48 33.00 -47.44
C LEU A 85 -21.20 33.42 -48.15
N GLN A 86 -20.12 33.64 -47.40
CA GLN A 86 -18.91 34.20 -47.97
C GLN A 86 -17.87 33.12 -48.27
N ASP A 87 -16.95 33.40 -49.18
CA ASP A 87 -15.91 32.42 -49.51
C ASP A 87 -15.04 32.07 -48.30
N ASN A 88 -14.77 33.06 -47.48
CA ASN A 88 -13.97 32.86 -46.26
C ASN A 88 -14.90 32.31 -45.17
N ILE A 89 -14.58 31.14 -44.62
CA ILE A 89 -15.51 30.49 -43.70
C ILE A 89 -15.18 30.72 -42.23
N ALA A 90 -14.32 31.70 -41.95
CA ALA A 90 -13.96 31.98 -40.56
C ALA A 90 -15.21 32.24 -39.71
N ASP A 91 -16.11 33.10 -40.17
CA ASP A 91 -17.31 33.37 -39.38
C ASP A 91 -18.20 32.13 -39.23
N ALA A 92 -18.29 31.34 -40.29
CA ALA A 92 -19.12 30.13 -40.24
C ALA A 92 -18.55 29.14 -39.24
N VAL A 93 -17.22 29.05 -39.18
CA VAL A 93 -16.58 28.13 -38.25
C VAL A 93 -16.86 28.58 -36.81
N ALA A 94 -16.74 29.87 -36.54
CA ALA A 94 -17.01 30.36 -35.20
C ALA A 94 -18.45 30.06 -34.80
N CYS A 95 -19.38 30.21 -35.75
CA CYS A 95 -20.80 29.96 -35.42
C CYS A 95 -21.04 28.46 -35.22
N ALA A 96 -20.46 27.64 -36.08
CA ALA A 96 -20.53 26.19 -35.88
C ALA A 96 -19.96 25.78 -34.52
N LYS A 97 -18.88 26.44 -34.10
CA LYS A 97 -18.29 26.12 -32.81
C LYS A 97 -19.28 26.43 -31.69
N ARG A 98 -19.99 27.54 -31.85
CA ARG A 98 -21.01 27.94 -30.89
CA ARG A 98 -20.98 27.89 -30.85
C ARG A 98 -22.14 26.90 -30.84
N VAL A 99 -22.57 26.44 -32.01
CA VAL A 99 -23.66 25.47 -32.05
C VAL A 99 -23.33 24.27 -31.17
N VAL A 100 -22.12 23.76 -31.31
CA VAL A 100 -21.77 22.51 -30.65
C VAL A 100 -21.42 22.68 -29.19
N ARG A 101 -21.39 23.91 -28.70
CA ARG A 101 -21.23 24.11 -27.25
C ARG A 101 -22.57 23.89 -26.55
N ASP A 102 -23.63 23.73 -27.34
CA ASP A 102 -24.92 23.34 -26.77
C ASP A 102 -24.88 21.84 -26.46
N PRO A 103 -25.76 21.38 -25.57
CA PRO A 103 -25.73 20.00 -25.05
C PRO A 103 -25.66 18.91 -26.14
N GLN A 104 -26.35 19.12 -27.27
CA GLN A 104 -26.35 18.14 -28.34
C GLN A 104 -24.98 17.95 -28.99
N GLY A 105 -24.13 18.96 -28.89
CA GLY A 105 -22.89 18.95 -29.64
C GLY A 105 -23.23 18.83 -31.13
N ILE A 106 -22.42 18.07 -31.86
CA ILE A 106 -22.60 18.00 -33.30
C ILE A 106 -23.90 17.28 -33.69
N ARG A 107 -24.57 16.64 -32.73
CA ARG A 107 -25.86 16.00 -33.01
C ARG A 107 -26.97 17.02 -33.29
N ALA A 108 -26.68 18.29 -33.05
CA ALA A 108 -27.65 19.35 -33.36
C ALA A 108 -28.09 19.24 -34.81
N TRP A 109 -27.17 18.83 -35.68
CA TRP A 109 -27.45 18.70 -37.11
C TRP A 109 -28.01 17.32 -37.45
N VAL A 110 -29.28 17.25 -37.85
CA VAL A 110 -29.91 15.95 -38.12
C VAL A 110 -29.28 15.21 -39.30
N ALA A 111 -28.77 15.95 -40.28
CA ALA A 111 -28.04 15.29 -41.37
C ALA A 111 -26.78 14.60 -40.85
N TRP A 112 -26.13 15.20 -39.85
CA TRP A 112 -24.93 14.57 -39.31
C TRP A 112 -25.31 13.24 -38.65
N ARG A 113 -26.41 13.25 -37.90
CA ARG A 113 -26.88 12.05 -37.22
C ARG A 113 -27.15 10.94 -38.22
N ASN A 114 -27.68 11.31 -39.38
CA ASN A 114 -28.14 10.31 -40.33
C ASN A 114 -27.08 9.88 -41.35
N ARG A 115 -26.17 10.79 -41.66
CA ARG A 115 -25.20 10.55 -42.74
C ARG A 115 -23.77 10.28 -42.22
N CYS A 116 -23.50 10.63 -40.97
CA CYS A 116 -22.14 10.54 -40.46
C CYS A 116 -22.05 9.63 -39.25
N GLN A 117 -22.81 9.95 -38.21
CA GLN A 117 -22.76 9.19 -36.97
C GLN A 117 -22.84 7.72 -37.34
N ASN A 118 -22.08 6.87 -36.68
CA ASN A 118 -22.17 5.43 -36.97
C ASN A 118 -21.74 5.03 -38.39
N ARG A 119 -21.15 5.94 -39.14
CA ARG A 119 -20.70 5.59 -40.49
C ARG A 119 -19.21 5.93 -40.65
N ASP A 120 -18.60 5.44 -41.72
CA ASP A 120 -17.21 5.76 -41.99
C ASP A 120 -17.04 7.24 -42.29
N VAL A 121 -16.13 7.89 -41.58
CA VAL A 121 -15.85 9.30 -41.85
C VAL A 121 -14.37 9.52 -42.11
N ARG A 122 -13.58 8.47 -41.97
CA ARG A 122 -12.15 8.54 -42.29
C ARG A 122 -11.95 8.94 -43.76
N GLN A 123 -12.90 8.56 -44.60
CA GLN A 123 -12.81 8.83 -46.04
C GLN A 123 -12.70 10.34 -46.34
N TYR A 124 -13.21 11.16 -45.43
CA TYR A 124 -13.24 12.59 -45.68
C TYR A 124 -11.85 13.25 -45.51
N VAL A 125 -10.98 12.65 -44.69
CA VAL A 125 -9.66 13.24 -44.48
C VAL A 125 -8.51 12.44 -45.08
N GLN A 126 -8.80 11.23 -45.55
CA GLN A 126 -7.75 10.34 -46.07
C GLN A 126 -6.95 11.01 -47.19
N GLY A 127 -5.63 11.01 -47.07
CA GLY A 127 -4.77 11.54 -48.10
C GLY A 127 -4.53 13.03 -48.06
N CYS A 128 -5.17 13.74 -47.14
CA CYS A 128 -5.07 15.19 -47.06
C CYS A 128 -3.82 15.69 -46.31
N GLY A 129 -3.21 14.81 -45.53
CA GLY A 129 -2.03 15.17 -44.76
C GLY A 129 -2.36 16.07 -43.58
N VAL A 130 -3.58 15.96 -43.07
CA VAL A 130 -4.02 16.75 -41.92
C VAL A 130 -4.21 15.88 -40.69
N LYS B 1 5.79 1.41 15.14
CA LYS B 1 6.97 0.61 14.84
C LYS B 1 6.70 -0.85 15.14
N VAL B 2 7.11 -1.73 14.22
CA VAL B 2 7.07 -3.17 14.49
C VAL B 2 8.48 -3.64 14.79
N PHE B 3 8.73 -4.11 16.01
CA PHE B 3 10.06 -4.59 16.36
C PHE B 3 10.37 -5.91 15.69
N GLU B 4 11.64 -6.11 15.32
CA GLU B 4 12.10 -7.45 15.01
C GLU B 4 12.29 -8.16 16.35
N ARG B 5 12.16 -9.48 16.33
CA ARG B 5 12.21 -10.29 17.54
C ARG B 5 13.41 -9.99 18.44
N CYS B 6 14.63 -10.21 17.96
CA CYS B 6 15.81 -10.04 18.82
C CYS B 6 16.07 -8.56 19.15
N GLU B 7 15.68 -7.67 18.26
CA GLU B 7 15.69 -6.24 18.54
C GLU B 7 14.87 -5.99 19.82
N LEU B 8 13.65 -6.51 19.86
CA LEU B 8 12.80 -6.32 21.03
C LEU B 8 13.41 -6.97 22.26
N ALA B 9 13.86 -8.22 22.12
CA ALA B 9 14.49 -8.91 23.23
C ALA B 9 15.59 -8.05 23.89
N ARG B 10 16.47 -7.46 23.08
CA ARG B 10 17.55 -6.67 23.65
C ARG B 10 17.04 -5.38 24.28
N THR B 11 16.02 -4.79 23.68
CA THR B 11 15.45 -3.55 24.18
C THR B 11 14.79 -3.79 25.54
N LEU B 12 13.99 -4.84 25.63
CA LEU B 12 13.33 -5.21 26.88
C LEU B 12 14.34 -5.57 27.96
N LYS B 13 15.42 -6.24 27.57
CA LYS B 13 16.49 -6.57 28.52
C LYS B 13 17.16 -5.31 29.05
N ARG B 14 17.42 -4.34 28.18
CA ARG B 14 18.01 -3.08 28.62
C ARG B 14 17.10 -2.33 29.59
N LEU B 15 15.79 -2.45 29.38
CA LEU B 15 14.80 -1.72 30.18
C LEU B 15 14.44 -2.43 31.47
N GLY B 16 15.17 -3.51 31.78
CA GLY B 16 15.05 -4.19 33.06
C GLY B 16 13.91 -5.18 33.19
N MET B 17 13.44 -5.74 32.09
CA MET B 17 12.30 -6.66 32.16
CA MET B 17 12.31 -6.68 32.07
C MET B 17 12.71 -8.09 32.48
N ASP B 18 13.95 -8.46 32.18
CA ASP B 18 14.39 -9.84 32.31
C ASP B 18 14.48 -10.28 33.77
N GLY B 19 13.45 -10.96 34.24
CA GLY B 19 13.39 -11.37 35.63
C GLY B 19 12.65 -10.38 36.52
N TYR B 20 12.04 -9.37 35.93
CA TYR B 20 11.30 -8.40 36.75
C TYR B 20 10.17 -9.14 37.45
N ARG B 21 10.11 -8.97 38.76
CA ARG B 21 9.17 -9.73 39.59
C ARG B 21 9.14 -11.21 39.23
N GLY B 22 10.28 -11.74 38.81
CA GLY B 22 10.44 -13.18 38.61
C GLY B 22 9.90 -13.67 37.28
N ILE B 23 9.56 -12.74 36.39
CA ILE B 23 9.06 -13.08 35.06
C ILE B 23 10.20 -13.02 34.04
N SER B 24 10.45 -14.13 33.34
CA SER B 24 11.55 -14.19 32.38
C SER B 24 11.36 -13.28 31.16
N LEU B 25 12.46 -12.85 30.55
CA LEU B 25 12.41 -12.10 29.30
C LEU B 25 11.59 -12.86 28.25
N ALA B 26 11.76 -14.18 28.22
CA ALA B 26 11.03 -15.02 27.26
C ALA B 26 9.52 -14.83 27.39
N ASN B 27 9.03 -14.78 28.61
CA ASN B 27 7.59 -14.55 28.80
C ASN B 27 7.14 -13.13 28.49
N TRP B 28 8.00 -12.14 28.71
CA TRP B 28 7.63 -10.77 28.32
C TRP B 28 7.56 -10.69 26.80
N MET B 29 8.46 -11.41 26.14
CA MET B 29 8.48 -11.47 24.68
C MET B 29 7.20 -12.15 24.19
N CYS B 30 6.83 -13.24 24.84
CA CYS B 30 5.63 -13.96 24.46
C CYS B 30 4.42 -13.04 24.59
N LEU B 31 4.37 -12.28 25.68
CA LEU B 31 3.26 -11.36 25.90
C LEU B 31 3.17 -10.37 24.75
N ALA B 32 4.29 -9.74 24.43
CA ALA B 32 4.32 -8.73 23.38
C ALA B 32 3.95 -9.32 22.02
N LYS B 33 4.40 -10.54 21.77
CA LYS B 33 4.09 -11.22 20.50
C LYS B 33 2.59 -11.42 20.34
N TRP B 34 1.95 -11.86 21.40
CA TRP B 34 0.56 -12.27 21.31
C TRP B 34 -0.45 -11.17 21.64
N GLU B 35 0.03 -10.05 22.19
CA GLU B 35 -0.82 -8.89 22.37
C GLU B 35 -0.85 -8.03 21.11
N SER B 36 0.29 -7.85 20.46
CA SER B 36 0.40 -6.83 19.41
C SER B 36 1.25 -7.23 18.22
N GLY B 37 1.82 -8.44 18.25
CA GLY B 37 2.76 -8.84 17.21
C GLY B 37 3.97 -7.92 17.18
N TYR B 38 4.35 -7.44 18.37
CA TYR B 38 5.50 -6.54 18.54
C TYR B 38 5.28 -5.16 17.90
N ASN B 39 4.04 -4.72 17.84
CA ASN B 39 3.71 -3.46 17.15
C ASN B 39 3.35 -2.36 18.14
N THR B 40 4.19 -1.33 18.24
CA THR B 40 3.95 -0.25 19.18
C THR B 40 2.74 0.62 18.84
N ARG B 41 2.27 0.56 17.59
CA ARG B 41 1.14 1.39 17.17
C ARG B 41 -0.22 0.69 17.32
N ALA B 42 -0.20 -0.57 17.77
CA ALA B 42 -1.44 -1.35 17.83
C ALA B 42 -2.46 -0.68 18.76
N THR B 43 -3.72 -0.63 18.33
CA THR B 43 -4.80 -0.20 19.19
C THR B 43 -6.00 -1.10 18.98
N ASN B 44 -6.72 -1.36 20.06
CA ASN B 44 -7.97 -2.11 19.97
C ASN B 44 -9.06 -1.45 20.80
N TYR B 45 -10.15 -1.11 20.14
CA TYR B 45 -11.27 -0.45 20.79
C TYR B 45 -12.21 -1.49 21.38
N ASN B 46 -12.73 -1.19 22.55
CA ASN B 46 -13.69 -2.08 23.20
C ASN B 46 -15.02 -1.37 23.31
N ALA B 47 -15.93 -1.69 22.41
CA ALA B 47 -17.20 -0.98 22.33
C ALA B 47 -18.02 -1.15 23.60
N GLY B 48 -17.75 -2.22 24.34
CA GLY B 48 -18.48 -2.51 25.56
C GLY B 48 -18.39 -1.40 26.61
N ASP B 49 -17.17 -0.95 26.89
CA ASP B 49 -16.97 0.11 27.87
C ASP B 49 -16.24 1.32 27.30
N ARG B 50 -16.10 1.36 25.98
CA ARG B 50 -15.53 2.52 25.29
C ARG B 50 -14.07 2.77 25.66
N SER B 51 -13.40 1.72 26.16
CA SER B 51 -11.98 1.79 26.48
C SER B 51 -11.18 1.32 25.28
N THR B 52 -9.87 1.58 25.30
CA THR B 52 -8.99 1.17 24.21
C THR B 52 -7.73 0.55 24.76
N ASP B 53 -7.24 -0.51 24.13
CA ASP B 53 -5.97 -1.12 24.50
C ASP B 53 -4.88 -0.54 23.62
N TYR B 54 -3.78 -0.11 24.25
CA TYR B 54 -2.75 0.66 23.56
C TYR B 54 -1.38 -0.01 23.53
N GLY B 55 -0.75 0.02 22.36
CA GLY B 55 0.67 -0.27 22.30
C GLY B 55 1.06 -1.72 22.27
N ILE B 56 2.37 -1.94 22.45
CA ILE B 56 2.96 -3.25 22.27
C ILE B 56 2.43 -4.26 23.30
N PHE B 57 2.01 -3.77 24.47
CA PHE B 57 1.44 -4.64 25.50
C PHE B 57 -0.09 -4.54 25.60
N GLN B 58 -0.69 -3.74 24.71
CA GLN B 58 -2.14 -3.60 24.66
C GLN B 58 -2.70 -3.27 26.04
N ILE B 59 -2.16 -2.21 26.64
CA ILE B 59 -2.57 -1.80 27.97
C ILE B 59 -3.84 -0.95 27.89
N ASN B 60 -4.77 -1.22 28.79
CA ASN B 60 -6.13 -0.70 28.64
C ASN B 60 -6.36 0.66 29.29
N SER B 61 -7.19 1.48 28.67
CA SER B 61 -7.32 2.88 29.06
C SER B 61 -8.27 3.10 30.24
N ARG B 62 -8.99 2.05 30.66
CA ARG B 62 -9.91 2.21 31.78
C ARG B 62 -9.18 2.36 33.10
N TYR B 63 -8.13 1.58 33.30
CA TYR B 63 -7.43 1.64 34.58
C TYR B 63 -6.04 2.24 34.51
N TRP B 64 -5.37 2.09 33.38
CA TRP B 64 -3.92 2.23 33.36
C TRP B 64 -3.36 3.56 32.85
N CYS B 65 -3.92 4.05 31.75
CA CYS B 65 -3.40 5.27 31.14
C CYS B 65 -4.55 6.18 30.79
N ASN B 66 -4.27 7.46 30.57
CA ASN B 66 -5.32 8.42 30.29
C ASN B 66 -5.45 8.74 28.79
N ASP B 67 -6.57 8.36 28.16
CA ASP B 67 -6.80 8.80 26.77
C ASP B 67 -7.92 9.84 26.67
N GLY B 68 -8.39 10.31 27.82
CA GLY B 68 -9.35 11.41 27.85
C GLY B 68 -10.70 11.06 27.25
N LYS B 69 -10.90 9.81 26.87
CA LYS B 69 -12.18 9.46 26.25
C LYS B 69 -12.80 8.14 26.75
N THR B 70 -12.36 7.69 27.92
CA THR B 70 -12.86 6.44 28.51
C THR B 70 -13.63 6.74 29.80
N PRO B 71 -14.96 6.54 29.79
CA PRO B 71 -15.75 6.89 30.97
C PRO B 71 -15.27 6.16 32.23
N GLY B 72 -15.43 6.80 33.39
CA GLY B 72 -15.01 6.22 34.67
C GLY B 72 -13.57 5.78 34.77
N ALA B 73 -12.72 6.32 33.91
CA ALA B 73 -11.34 5.87 33.84
C ALA B 73 -10.43 6.46 34.91
N VAL B 74 -9.44 5.67 35.31
CA VAL B 74 -8.40 6.16 36.18
C VAL B 74 -7.11 6.00 35.42
N ASN B 75 -6.02 6.42 36.02
CA ASN B 75 -4.78 6.55 35.28
C ASN B 75 -3.67 6.02 36.17
N ALA B 76 -3.72 4.72 36.46
CA ALA B 76 -2.83 4.12 37.46
C ALA B 76 -1.35 4.21 37.09
N CYS B 77 -1.02 4.16 35.79
CA CYS B 77 0.37 4.34 35.40
C CYS B 77 0.78 5.80 35.37
N HIS B 78 -0.20 6.68 35.53
CA HIS B 78 0.01 8.11 35.40
C HIS B 78 0.79 8.41 34.11
N LEU B 79 0.19 8.05 32.97
CA LEU B 79 0.78 8.30 31.65
C LEU B 79 -0.34 8.60 30.69
N SER B 80 -0.09 9.48 29.71
CA SER B 80 -1.00 9.57 28.58
C SER B 80 -0.94 8.27 27.80
N CYS B 81 -2.08 7.76 27.34
CA CYS B 81 -2.07 6.53 26.57
C CYS B 81 -1.23 6.71 25.32
N SER B 82 -1.15 7.94 24.82
CA SER B 82 -0.37 8.21 23.61
C SER B 82 1.10 7.85 23.84
N ALA B 83 1.54 7.95 25.09
CA ALA B 83 2.91 7.58 25.43
C ALA B 83 3.16 6.11 25.12
N LEU B 84 2.09 5.33 25.08
CA LEU B 84 2.19 3.90 24.80
C LEU B 84 2.05 3.58 23.31
N LEU B 85 2.08 4.62 22.46
CA LEU B 85 2.01 4.40 21.02
C LEU B 85 3.29 4.91 20.35
N GLN B 86 4.34 5.11 21.14
CA GLN B 86 5.58 5.67 20.61
C GLN B 86 6.59 4.58 20.27
N ASP B 87 7.57 4.88 19.42
CA ASP B 87 8.55 3.87 19.01
C ASP B 87 9.41 3.46 20.19
N ASN B 88 9.68 4.40 21.07
CA ASN B 88 10.45 4.12 22.28
C ASN B 88 9.51 3.50 23.31
N ILE B 89 9.81 2.30 23.78
CA ILE B 89 8.86 1.58 24.61
C ILE B 89 9.14 1.68 26.12
N ALA B 90 10.00 2.63 26.50
CA ALA B 90 10.35 2.80 27.90
C ALA B 90 9.10 3.04 28.76
N ASP B 91 8.22 3.93 28.31
CA ASP B 91 7.01 4.19 29.11
C ASP B 91 6.09 2.97 29.15
N ALA B 92 5.95 2.28 28.02
CA ALA B 92 5.10 1.09 27.99
C ALA B 92 5.63 0.04 28.98
N VAL B 93 6.95 -0.09 29.02
CA VAL B 93 7.58 -1.06 29.90
C VAL B 93 7.30 -0.68 31.37
N ALA B 94 7.45 0.60 31.69
CA ALA B 94 7.22 1.02 33.07
C ALA B 94 5.78 0.74 33.46
N CYS B 95 4.85 0.92 32.51
CA CYS B 95 3.45 0.69 32.81
C CYS B 95 3.16 -0.82 32.91
N ALA B 96 3.79 -1.61 32.04
CA ALA B 96 3.61 -3.07 32.10
C ALA B 96 4.12 -3.59 33.45
N LYS B 97 5.23 -3.04 33.92
CA LYS B 97 5.77 -3.42 35.23
C LYS B 97 4.74 -3.08 36.31
N ARG B 98 4.14 -1.90 36.21
CA ARG B 98 3.11 -1.50 37.16
CA ARG B 98 3.10 -1.50 37.15
C ARG B 98 1.95 -2.50 37.12
N VAL B 99 1.52 -2.89 35.93
CA VAL B 99 0.41 -3.85 35.83
C VAL B 99 0.76 -5.13 36.57
N VAL B 100 1.97 -5.66 36.36
CA VAL B 100 2.28 -6.95 36.98
C VAL B 100 2.58 -6.89 38.49
N ARG B 101 2.59 -5.71 39.09
CA ARG B 101 2.70 -5.64 40.55
C ARG B 101 1.34 -5.86 41.22
N ASP B 102 0.27 -5.87 40.41
CA ASP B 102 -1.05 -6.22 40.93
C ASP B 102 -1.07 -7.72 41.21
N PRO B 103 -2.04 -8.19 42.01
CA PRO B 103 -2.04 -9.57 42.48
C PRO B 103 -1.98 -10.62 41.35
N GLN B 104 -2.63 -10.34 40.23
CA GLN B 104 -2.67 -11.30 39.12
C GLN B 104 -1.33 -11.53 38.46
N GLY B 105 -0.40 -10.59 38.66
CA GLY B 105 0.86 -10.64 37.93
C GLY B 105 0.61 -10.63 36.42
N ILE B 106 1.43 -11.37 35.68
CA ILE B 106 1.33 -11.34 34.23
C ILE B 106 0.06 -12.04 33.71
N ARG B 107 -0.66 -12.73 34.61
CA ARG B 107 -1.91 -13.38 34.23
C ARG B 107 -3.04 -12.37 33.99
N ALA B 108 -2.78 -11.09 34.28
CA ALA B 108 -3.76 -10.05 34.01
C ALA B 108 -4.06 -10.00 32.52
N TRP B 109 -3.10 -10.42 31.71
CA TRP B 109 -3.32 -10.49 30.26
C TRP B 109 -3.87 -11.86 29.88
N VAL B 110 -5.12 -11.91 29.44
CA VAL B 110 -5.77 -13.15 29.02
C VAL B 110 -4.99 -13.88 27.92
N ALA B 111 -4.50 -13.14 26.93
CA ALA B 111 -3.74 -13.76 25.85
C ALA B 111 -2.52 -14.47 26.40
N TRP B 112 -1.91 -13.91 27.44
CA TRP B 112 -0.74 -14.57 28.02
C TRP B 112 -1.13 -15.92 28.63
N ARG B 113 -2.24 -15.94 29.36
CA ARG B 113 -2.74 -17.19 29.94
C ARG B 113 -2.91 -18.28 28.88
N ASN B 114 -3.45 -17.88 27.73
CA ASN B 114 -3.82 -18.83 26.69
C ASN B 114 -2.72 -19.16 25.67
N ARG B 115 -1.84 -18.20 25.41
CA ARG B 115 -0.84 -18.36 24.35
C ARG B 115 0.56 -18.60 24.88
N CYS B 116 0.80 -18.31 26.15
CA CYS B 116 2.16 -18.33 26.70
C CYS B 116 2.27 -19.27 27.90
N GLN B 117 1.35 -19.12 28.84
CA GLN B 117 1.48 -19.74 30.15
C GLN B 117 1.91 -21.21 30.15
N ASN B 118 1.27 -22.05 29.36
CA ASN B 118 1.66 -23.45 29.45
C ASN B 118 2.35 -23.97 28.20
N ARG B 119 3.02 -23.07 27.49
CA ARG B 119 3.60 -23.41 26.21
C ARG B 119 5.09 -23.11 26.19
N ASP B 120 5.81 -23.57 25.18
CA ASP B 120 7.20 -23.21 25.05
C ASP B 120 7.34 -21.73 24.76
N VAL B 121 8.20 -21.04 25.50
CA VAL B 121 8.44 -19.63 25.23
C VAL B 121 9.91 -19.38 24.93
N ARG B 122 10.72 -20.43 25.01
CA ARG B 122 12.14 -20.30 24.69
C ARG B 122 12.28 -19.83 23.24
N GLN B 123 11.32 -20.19 22.40
CA GLN B 123 11.31 -19.79 20.99
C GLN B 123 11.44 -18.29 20.79
N TYR B 124 10.96 -17.50 21.75
CA TYR B 124 10.97 -16.04 21.58
C TYR B 124 12.35 -15.41 21.81
N VAL B 125 13.19 -16.05 22.60
CA VAL B 125 14.51 -15.48 22.91
C VAL B 125 15.68 -16.24 22.27
N GLN B 126 15.40 -17.42 21.73
CA GLN B 126 16.45 -18.24 21.10
C GLN B 126 17.27 -17.46 20.08
N GLY B 127 18.58 -17.54 20.22
CA GLY B 127 19.49 -16.96 19.23
C GLY B 127 19.74 -15.48 19.38
N CYS B 128 19.07 -14.84 20.32
CA CYS B 128 19.16 -13.39 20.46
C CYS B 128 20.38 -12.92 21.26
N GLY B 129 21.07 -13.84 21.92
CA GLY B 129 22.21 -13.49 22.74
C GLY B 129 21.85 -12.61 23.92
N VAL B 130 20.68 -12.86 24.50
CA VAL B 130 20.21 -12.13 25.67
C VAL B 130 20.10 -13.09 26.85
N VAL C 2 18.37 -12.63 51.54
CA VAL C 2 17.83 -13.98 51.62
C VAL C 2 18.89 -15.00 52.08
N GLN C 3 18.43 -16.14 52.59
CA GLN C 3 19.32 -17.23 53.01
C GLN C 3 19.02 -18.51 52.21
N LEU C 4 20.07 -19.11 51.66
CA LEU C 4 19.90 -20.29 50.81
C LEU C 4 20.43 -21.54 51.51
N GLN C 5 19.59 -22.57 51.61
CA GLN C 5 20.01 -23.83 52.24
C GLN C 5 19.98 -24.98 51.24
N GLU C 6 21.12 -25.63 51.05
CA GLU C 6 21.25 -26.70 50.06
C GLU C 6 21.04 -28.06 50.69
N SER C 7 20.50 -29.00 49.92
CA SER C 7 20.36 -30.39 50.37
C SER C 7 20.75 -31.34 49.23
N GLY C 8 21.18 -32.55 49.58
CA GLY C 8 21.55 -33.54 48.57
C GLY C 8 23.02 -33.54 48.25
N GLY C 9 23.43 -34.36 47.29
CA GLY C 9 24.81 -34.36 46.84
C GLY C 9 25.56 -35.58 47.33
N GLY C 10 26.89 -35.51 47.34
CA GLY C 10 27.69 -36.62 47.80
C GLY C 10 28.21 -37.42 46.63
N SER C 11 28.53 -38.68 46.88
CA SER C 11 29.19 -39.51 45.87
C SER C 11 28.17 -40.27 45.02
N VAL C 12 28.54 -40.53 43.77
CA VAL C 12 27.68 -41.27 42.86
C VAL C 12 28.58 -41.86 41.79
N GLN C 13 28.17 -42.97 41.19
CA GLN C 13 28.99 -43.56 40.13
C GLN C 13 28.54 -43.04 38.77
N ALA C 14 29.48 -43.00 37.83
CA ALA C 14 29.20 -42.48 36.49
C ALA C 14 28.01 -43.22 35.91
N GLY C 15 27.13 -42.48 35.24
CA GLY C 15 25.92 -43.06 34.69
C GLY C 15 24.74 -42.95 35.65
N GLY C 16 25.03 -42.65 36.92
CA GLY C 16 23.98 -42.55 37.93
C GLY C 16 23.37 -41.16 38.03
N SER C 17 22.51 -40.95 39.01
CA SER C 17 21.85 -39.66 39.17
C SER C 17 21.82 -39.21 40.62
N LEU C 18 21.66 -37.90 40.81
CA LEU C 18 21.52 -37.29 42.12
C LEU C 18 20.45 -36.20 42.02
N ARG C 19 19.72 -35.95 43.11
CA ARG C 19 18.76 -34.84 43.13
C ARG C 19 19.22 -33.82 44.14
N LEU C 20 19.44 -32.58 43.70
CA LEU C 20 19.82 -31.50 44.63
C LEU C 20 18.61 -30.62 44.87
N SER C 21 18.57 -29.98 46.04
CA SER C 21 17.51 -29.02 46.30
C SER C 21 18.06 -27.84 47.06
N CYS C 22 17.38 -26.69 46.93
CA CYS C 22 17.80 -25.48 47.59
C CYS C 22 16.56 -24.73 48.04
N GLU C 23 16.53 -24.35 49.32
CA GLU C 23 15.39 -23.65 49.88
C GLU C 23 15.74 -22.20 50.22
N ALA C 24 14.93 -21.26 49.73
CA ALA C 24 15.16 -19.85 50.00
C ALA C 24 14.23 -19.33 51.07
N SER C 25 14.77 -18.48 51.95
CA SER C 25 13.97 -17.81 52.97
C SER C 25 14.43 -16.35 53.07
N GLY C 26 13.55 -15.48 53.54
CA GLY C 26 13.88 -14.08 53.66
C GLY C 26 13.23 -13.29 52.54
N LEU C 27 14.04 -12.55 51.80
CA LEU C 27 13.54 -11.79 50.66
C LEU C 27 13.02 -12.69 49.52
N SER C 28 12.07 -12.17 48.76
CA SER C 28 11.51 -12.89 47.63
C SER C 28 12.56 -12.99 46.52
N THR C 29 12.74 -14.17 45.95
CA THR C 29 13.69 -14.34 44.86
C THR C 29 13.01 -14.03 43.53
N THR C 30 13.80 -13.61 42.55
CA THR C 30 13.31 -13.47 41.18
C THR C 30 13.86 -14.62 40.34
N VAL C 31 15.06 -15.06 40.70
CA VAL C 31 15.71 -16.18 40.00
C VAL C 31 16.46 -17.05 41.02
N MET C 32 16.45 -18.35 40.78
N MET C 32 16.43 -18.36 40.80
CA MET C 32 17.27 -19.26 41.57
CA MET C 32 17.27 -19.28 41.59
C MET C 32 18.08 -20.13 40.62
C MET C 32 18.07 -20.14 40.63
N ALA C 33 19.31 -20.43 41.01
CA ALA C 33 20.21 -21.12 40.09
C ALA C 33 21.17 -22.05 40.81
N TRP C 34 21.70 -23.00 40.05
CA TRP C 34 22.81 -23.82 40.52
C TRP C 34 24.06 -23.47 39.74
N PHE C 35 25.15 -23.23 40.48
CA PHE C 35 26.46 -23.00 39.87
C PHE C 35 27.34 -24.16 40.29
N ARG C 36 28.40 -24.40 39.54
CA ARG C 36 29.36 -25.38 39.99
C ARG C 36 30.78 -24.90 39.78
N GLN C 37 31.65 -25.37 40.65
CA GLN C 37 33.07 -25.10 40.54
C GLN C 37 33.77 -26.45 40.43
N ALA C 38 34.18 -26.82 39.22
CA ALA C 38 34.88 -28.08 39.01
C ALA C 38 36.35 -27.95 39.37
N PRO C 39 37.04 -29.07 39.65
CA PRO C 39 38.44 -29.10 40.05
C PRO C 39 39.32 -28.20 39.19
N GLY C 40 39.94 -27.19 39.78
CA GLY C 40 40.84 -26.29 39.09
C GLY C 40 40.17 -25.15 38.34
N LYS C 41 38.85 -25.04 38.43
CA LYS C 41 38.09 -24.06 37.66
C LYS C 41 37.28 -23.08 38.52
N GLU C 42 36.66 -22.09 37.87
CA GLU C 42 35.85 -21.09 38.55
C GLU C 42 34.34 -21.38 38.43
N ARG C 43 33.56 -20.74 39.30
CA ARG C 43 32.11 -20.94 39.36
C ARG C 43 31.44 -20.67 38.02
N GLU C 44 30.73 -21.66 37.50
CA GLU C 44 29.99 -21.51 36.25
C GLU C 44 28.54 -21.94 36.44
N GLY C 45 27.63 -21.26 35.74
CA GLY C 45 26.22 -21.58 35.81
C GLY C 45 25.94 -22.99 35.31
N VAL C 46 25.05 -23.69 36.00
CA VAL C 46 24.62 -25.03 35.59
C VAL C 46 23.19 -24.94 35.05
N ALA C 47 22.31 -24.36 35.86
CA ALA C 47 20.91 -24.16 35.50
C ALA C 47 20.32 -23.03 36.31
N ALA C 48 19.30 -22.37 35.75
CA ALA C 48 18.60 -21.33 36.47
C ALA C 48 17.12 -21.46 36.21
N ILE C 49 16.30 -21.03 37.16
CA ILE C 49 14.86 -21.03 36.97
C ILE C 49 14.29 -19.75 37.53
N TYR C 50 13.40 -19.11 36.77
CA TYR C 50 12.83 -17.84 37.22
C TYR C 50 11.70 -18.16 38.20
N THR C 51 11.64 -17.41 39.30
CA THR C 51 10.70 -17.74 40.37
C THR C 51 9.24 -17.53 39.98
N GLY C 52 8.99 -16.52 39.17
CA GLY C 52 7.63 -16.13 38.84
C GLY C 52 6.95 -17.06 37.86
N ASP C 53 7.69 -17.50 36.84
CA ASP C 53 7.04 -18.22 35.75
C ASP C 53 7.63 -19.61 35.52
N GLY C 54 8.66 -19.94 36.28
CA GLY C 54 9.29 -21.24 36.15
C GLY C 54 10.05 -21.48 34.85
N PHE C 55 10.35 -20.43 34.11
CA PHE C 55 11.18 -20.58 32.90
C PHE C 55 12.60 -20.98 33.28
N PRO C 56 13.13 -22.03 32.63
CA PRO C 56 14.47 -22.56 32.96
C PRO C 56 15.53 -22.28 31.91
N TYR C 57 16.78 -22.10 32.35
CA TYR C 57 17.94 -22.10 31.46
C TYR C 57 18.89 -23.22 31.88
N TYR C 58 19.65 -23.73 30.92
CA TYR C 58 20.58 -24.85 31.15
C TYR C 58 21.90 -24.60 30.45
N ALA C 59 23.01 -24.94 31.11
CA ALA C 59 24.31 -24.93 30.44
C ALA C 59 24.29 -25.92 29.27
N ASP C 60 24.98 -25.59 28.18
CA ASP C 60 25.03 -26.52 27.05
C ASP C 60 25.44 -27.92 27.51
N SER C 61 26.33 -28.00 28.49
CA SER C 61 26.95 -29.27 28.86
C SER C 61 26.01 -30.19 29.65
N VAL C 62 24.89 -29.66 30.10
CA VAL C 62 23.97 -30.45 30.93
C VAL C 62 22.58 -30.55 30.31
N LYS C 63 22.38 -29.90 29.17
CA LYS C 63 21.08 -29.97 28.51
C LYS C 63 20.73 -31.41 28.20
N GLY C 64 19.51 -31.81 28.58
CA GLY C 64 19.02 -33.13 28.26
C GLY C 64 19.28 -34.09 29.40
N ARG C 65 20.17 -33.70 30.31
CA ARG C 65 20.58 -34.58 31.40
C ARG C 65 20.03 -34.08 32.72
N PHE C 66 20.08 -32.76 32.90
CA PHE C 66 19.63 -32.13 34.14
C PHE C 66 18.25 -31.48 33.95
N THR C 67 17.44 -31.47 35.00
CA THR C 67 16.16 -30.77 34.98
C THR C 67 16.04 -29.92 36.22
N ILE C 68 15.81 -28.62 36.04
CA ILE C 68 15.61 -27.73 37.18
C ILE C 68 14.12 -27.48 37.34
N SER C 69 13.63 -27.40 38.57
CA SER C 69 12.22 -27.21 38.82
C SER C 69 12.05 -26.57 40.19
N GLN C 70 10.82 -26.17 40.53
CA GLN C 70 10.62 -25.58 41.84
C GLN C 70 9.25 -25.89 42.42
N ASP C 71 9.13 -25.72 43.74
CA ASP C 71 7.86 -25.73 44.45
C ASP C 71 7.78 -24.44 45.29
N ASN C 72 7.16 -23.41 44.73
CA ASN C 72 7.13 -22.08 45.37
C ASN C 72 6.39 -22.09 46.72
N ALA C 73 5.48 -23.04 46.87
CA ALA C 73 4.79 -23.21 48.15
C ALA C 73 5.84 -23.41 49.25
N LYS C 74 6.77 -24.34 49.00
CA LYS C 74 7.81 -24.67 49.96
C LYS C 74 9.07 -23.81 49.81
N ASN C 75 9.06 -22.87 48.88
CA ASN C 75 10.22 -22.00 48.64
C ASN C 75 11.46 -22.80 48.25
N ARG C 76 11.22 -23.91 47.55
CA ARG C 76 12.29 -24.87 47.28
C ARG C 76 12.49 -25.10 45.78
N MET C 77 13.76 -25.14 45.37
CA MET C 77 14.12 -25.41 43.99
C MET C 77 14.89 -26.74 43.93
N TYR C 78 14.71 -27.50 42.85
CA TYR C 78 15.31 -28.83 42.70
C TYR C 78 16.15 -28.94 41.43
N LEU C 79 17.20 -29.74 41.48
CA LEU C 79 17.98 -30.03 40.27
C LEU C 79 18.14 -31.54 40.19
N GLN C 80 17.47 -32.15 39.20
CA GLN C 80 17.63 -33.58 38.98
C GLN C 80 18.78 -33.76 38.01
N MET C 81 19.84 -34.44 38.45
CA MET C 81 21.04 -34.58 37.64
C MET C 81 21.22 -36.02 37.17
N ASN C 82 20.92 -36.28 35.89
CA ASN C 82 21.01 -37.66 35.37
C ASN C 82 22.27 -37.91 34.57
N SER C 83 22.54 -39.20 34.31
CA SER C 83 23.68 -39.58 33.48
C SER C 83 24.92 -38.79 33.84
N LEU C 84 25.28 -38.81 35.12
CA LEU C 84 26.43 -38.04 35.60
C LEU C 84 27.74 -38.63 35.08
N GLU C 85 28.71 -37.76 34.82
CA GLU C 85 30.02 -38.18 34.34
C GLU C 85 31.08 -37.69 35.31
N PRO C 86 32.28 -38.29 35.25
CA PRO C 86 33.33 -37.86 36.18
C PRO C 86 33.53 -36.35 36.14
N GLU C 87 33.42 -35.77 34.95
CA GLU C 87 33.63 -34.34 34.75
C GLU C 87 32.52 -33.49 35.38
N ASP C 88 31.46 -34.14 35.90
CA ASP C 88 30.42 -33.39 36.61
C ASP C 88 30.79 -33.22 38.08
N THR C 89 31.92 -33.79 38.48
CA THR C 89 32.43 -33.62 39.83
C THR C 89 32.70 -32.14 40.08
N ALA C 90 32.18 -31.61 41.17
CA ALA C 90 32.38 -30.20 41.50
C ALA C 90 31.71 -29.86 42.82
N MET C 91 31.99 -28.65 43.30
CA MET C 91 31.20 -28.04 44.36
C MET C 91 30.04 -27.37 43.68
N TYR C 92 28.82 -27.77 44.04
CA TYR C 92 27.63 -27.14 43.51
C TYR C 92 27.10 -26.09 44.48
N TYR C 93 26.80 -24.89 43.97
CA TYR C 93 26.33 -23.78 44.82
C TYR C 93 24.96 -23.30 44.39
N CYS C 94 24.06 -23.16 45.35
CA CYS C 94 22.77 -22.54 45.08
C CYS C 94 23.00 -21.03 45.03
N ALA C 95 22.31 -20.34 44.13
CA ALA C 95 22.41 -18.88 44.06
C ALA C 95 21.02 -18.28 43.84
N ALA C 96 20.84 -17.02 44.23
CA ALA C 96 19.55 -16.36 43.98
C ALA C 96 19.72 -14.88 43.63
N LYS C 97 18.75 -14.35 42.89
CA LYS C 97 18.65 -12.92 42.61
C LYS C 97 17.37 -12.42 43.26
N THR C 98 17.35 -11.15 43.63
CA THR C 98 16.12 -10.53 44.11
C THR C 98 15.62 -9.49 43.11
N GLY C 99 16.36 -9.29 42.03
CA GLY C 99 15.97 -8.31 41.01
C GLY C 99 16.14 -8.81 39.60
N ALA C 100 16.07 -7.91 38.63
CA ALA C 100 16.15 -8.30 37.22
C ALA C 100 17.60 -8.47 36.79
N PHE C 101 17.82 -9.00 35.58
CA PHE C 101 19.16 -9.05 35.02
C PHE C 101 19.50 -7.70 34.42
N SER C 102 20.68 -7.18 34.72
CA SER C 102 21.18 -5.97 34.07
C SER C 102 21.55 -6.27 32.63
N TYR C 103 21.60 -5.25 31.78
CA TYR C 103 22.07 -5.46 30.43
C TYR C 103 23.49 -5.99 30.49
N GLY C 104 23.79 -7.03 29.72
CA GLY C 104 25.12 -7.59 29.68
C GLY C 104 25.29 -8.71 30.68
N SER C 105 24.29 -8.92 31.54
CA SER C 105 24.35 -10.01 32.50
C SER C 105 23.54 -11.19 31.97
N LEU C 106 24.19 -12.33 31.79
CA LEU C 106 23.48 -13.53 31.36
C LEU C 106 23.30 -14.48 32.56
N TRP C 107 22.34 -15.40 32.46
CA TRP C 107 21.96 -16.23 33.62
C TRP C 107 23.12 -16.97 34.26
N TRP C 108 24.13 -17.33 33.45
CA TRP C 108 25.25 -18.16 33.92
C TRP C 108 26.40 -17.37 34.54
N MET C 109 26.25 -16.06 34.66
CA MET C 109 27.32 -15.25 35.22
C MET C 109 27.16 -15.09 36.73
N SER C 110 28.17 -15.49 37.50
CA SER C 110 28.07 -15.46 38.95
C SER C 110 27.82 -14.04 39.45
N ARG C 111 28.37 -13.06 38.74
CA ARG C 111 28.25 -11.66 39.15
C ARG C 111 26.80 -11.18 39.12
N ALA C 112 25.93 -11.94 38.47
CA ALA C 112 24.53 -11.51 38.36
C ALA C 112 23.75 -11.84 39.62
N TYR C 113 24.32 -12.70 40.47
CA TYR C 113 23.61 -13.14 41.67
C TYR C 113 24.20 -12.53 42.94
N ASN C 114 23.34 -12.16 43.88
CA ASN C 114 23.80 -11.56 45.13
C ASN C 114 23.52 -12.36 46.40
N HIS C 115 23.08 -13.61 46.23
CA HIS C 115 22.93 -14.53 47.36
C HIS C 115 23.41 -15.92 46.99
N TRP C 116 24.15 -16.55 47.91
CA TRP C 116 24.76 -17.84 47.65
C TRP C 116 24.61 -18.78 48.84
N GLY C 117 24.42 -20.07 48.54
CA GLY C 117 24.42 -21.09 49.58
C GLY C 117 25.85 -21.47 49.89
N GLN C 118 26.04 -22.41 50.82
CA GLN C 118 27.38 -22.74 51.28
C GLN C 118 28.16 -23.71 50.39
N GLY C 119 27.47 -24.32 49.42
CA GLY C 119 28.12 -25.25 48.51
C GLY C 119 27.87 -26.69 48.89
N THR C 120 27.70 -27.55 47.90
CA THR C 120 27.46 -28.97 48.15
C THR C 120 28.42 -29.79 47.31
N GLN C 121 29.17 -30.66 47.94
CA GLN C 121 30.14 -31.48 47.19
C GLN C 121 29.46 -32.64 46.45
N VAL C 122 29.77 -32.76 45.16
CA VAL C 122 29.27 -33.86 44.34
C VAL C 122 30.48 -34.55 43.72
N THR C 123 30.64 -35.84 43.99
CA THR C 123 31.81 -36.57 43.46
C THR C 123 31.33 -37.73 42.60
N VAL C 124 31.63 -37.67 41.30
CA VAL C 124 31.21 -38.71 40.36
C VAL C 124 32.42 -39.56 39.98
N SER C 125 32.37 -40.86 40.27
CA SER C 125 33.47 -41.75 39.96
C SER C 125 33.10 -42.84 38.96
N SER C 126 34.06 -43.19 38.13
CA SER C 126 33.84 -44.21 37.12
C SER C 126 33.58 -45.58 37.77
N HIS C 127 32.84 -46.42 37.05
CA HIS C 127 32.64 -47.81 37.43
C HIS C 127 33.95 -48.57 37.22
N GLN D 1 -5.69 21.31 -14.08
CA GLN D 1 -5.18 20.59 -15.26
C GLN D 1 -5.83 19.21 -15.42
N VAL D 2 -5.04 18.24 -15.87
CA VAL D 2 -5.54 16.89 -16.12
C VAL D 2 -4.58 15.82 -15.61
N GLN D 3 -5.05 15.04 -14.63
CA GLN D 3 -4.27 13.94 -14.08
C GLN D 3 -4.62 12.65 -14.82
N LEU D 4 -3.60 11.96 -15.37
CA LEU D 4 -3.82 10.72 -16.11
C LEU D 4 -3.30 9.53 -15.31
N GLN D 5 -4.10 8.47 -15.24
CA GLN D 5 -3.70 7.27 -14.49
C GLN D 5 -3.82 6.03 -15.39
N GLU D 6 -2.68 5.36 -15.60
CA GLU D 6 -2.62 4.19 -16.48
C GLU D 6 -2.81 2.90 -15.68
N SER D 7 -3.43 1.89 -16.32
CA SER D 7 -3.59 0.57 -15.73
C SER D 7 -3.33 -0.49 -16.80
N GLY D 8 -3.04 -1.70 -16.36
CA GLY D 8 -2.85 -2.81 -17.29
C GLY D 8 -1.37 -2.96 -17.61
N GLY D 9 -1.05 -3.69 -18.66
CA GLY D 9 0.34 -3.87 -19.04
C GLY D 9 0.86 -5.18 -18.50
N GLY D 10 2.10 -5.52 -18.85
CA GLY D 10 2.68 -6.77 -18.41
C GLY D 10 3.29 -7.61 -19.54
N SER D 11 3.45 -8.91 -19.28
CA SER D 11 4.14 -9.80 -20.19
C SER D 11 3.15 -10.71 -20.90
N VAL D 12 3.39 -10.93 -22.17
CA VAL D 12 2.51 -11.80 -22.93
C VAL D 12 3.29 -12.43 -24.07
N GLN D 13 2.81 -13.56 -24.57
CA GLN D 13 3.45 -14.22 -25.69
C GLN D 13 2.80 -13.78 -26.99
N ALA D 14 3.57 -13.82 -28.08
CA ALA D 14 3.07 -13.41 -29.38
C ALA D 14 1.73 -14.07 -29.66
N GLY D 15 0.81 -13.29 -30.24
CA GLY D 15 -0.51 -13.78 -30.59
C GLY D 15 -1.52 -13.46 -29.49
N GLY D 16 -1.01 -13.24 -28.28
CA GLY D 16 -1.85 -12.95 -27.14
C GLY D 16 -2.24 -11.48 -27.10
N SER D 17 -2.88 -11.07 -25.99
CA SER D 17 -3.48 -9.75 -25.94
C SER D 17 -3.28 -9.13 -24.56
N LEU D 18 -3.37 -7.80 -24.52
CA LEU D 18 -3.40 -7.07 -23.26
C LEU D 18 -4.36 -5.91 -23.46
N ARG D 19 -5.01 -5.47 -22.39
CA ARG D 19 -5.86 -4.29 -22.48
C ARG D 19 -5.27 -3.19 -21.59
N LEU D 20 -4.93 -2.06 -22.18
CA LEU D 20 -4.46 -0.92 -21.37
C LEU D 20 -5.61 0.05 -21.15
N SER D 21 -5.63 0.69 -19.98
CA SER D 21 -6.63 1.72 -19.75
C SER D 21 -6.01 2.97 -19.16
N CYS D 22 -6.62 4.11 -19.45
CA CYS D 22 -6.15 5.40 -18.95
C CYS D 22 -7.34 6.22 -18.51
N GLU D 23 -7.26 6.77 -17.32
CA GLU D 23 -8.36 7.54 -16.77
C GLU D 23 -7.93 8.97 -16.53
N ALA D 24 -8.74 9.91 -17.01
CA ALA D 24 -8.43 11.33 -16.87
C ALA D 24 -9.23 11.98 -15.75
N SER D 25 -8.59 12.85 -14.99
CA SER D 25 -9.28 13.67 -13.99
C SER D 25 -8.84 15.12 -14.17
N GLY D 26 -9.73 16.06 -13.86
CA GLY D 26 -9.42 17.47 -14.01
C GLY D 26 -10.20 18.08 -15.15
N LEU D 27 -9.54 18.92 -15.95
CA LEU D 27 -10.17 19.49 -17.13
C LEU D 27 -10.69 18.37 -18.04
N SER D 28 -11.71 18.67 -18.83
CA SER D 28 -12.23 17.66 -19.75
C SER D 28 -11.29 17.55 -20.95
N THR D 29 -11.09 16.32 -21.42
CA THR D 29 -10.19 16.07 -22.54
C THR D 29 -10.93 16.22 -23.86
N THR D 30 -10.19 16.56 -24.91
CA THR D 30 -10.72 16.59 -26.26
C THR D 30 -10.21 15.39 -27.04
N VAL D 31 -9.02 14.94 -26.66
CA VAL D 31 -8.34 13.83 -27.30
C VAL D 31 -7.54 13.07 -26.26
N MET D 32 -7.55 11.74 -26.37
N MET D 32 -7.57 11.74 -26.34
CA MET D 32 -6.71 10.91 -25.53
CA MET D 32 -6.72 10.89 -25.51
C MET D 32 -5.99 9.91 -26.42
C MET D 32 -6.00 9.90 -26.41
N ALA D 33 -4.74 9.61 -26.10
CA ALA D 33 -3.94 8.73 -26.95
C ALA D 33 -3.02 7.84 -26.17
N TRP D 34 -2.58 6.77 -26.83
CA TRP D 34 -1.45 6.00 -26.32
C TRP D 34 -0.27 6.27 -27.22
N PHE D 35 0.87 6.59 -26.60
CA PHE D 35 2.14 6.62 -27.30
C PHE D 35 2.94 5.42 -26.83
N ARG D 36 3.96 5.07 -27.59
CA ARG D 36 4.86 4.04 -27.11
C ARG D 36 6.29 4.40 -27.43
N GLN D 37 7.19 3.95 -26.58
CA GLN D 37 8.61 4.14 -26.79
C GLN D 37 9.25 2.77 -26.84
N ALA D 38 9.47 2.27 -28.05
CA ALA D 38 10.07 0.95 -28.22
C ALA D 38 11.57 1.07 -27.99
N PRO D 39 12.20 -0.04 -27.59
CA PRO D 39 13.66 -0.07 -27.40
C PRO D 39 14.38 0.30 -28.69
N GLY D 40 15.33 1.23 -28.62
CA GLY D 40 16.16 1.54 -29.77
C GLY D 40 15.38 2.21 -30.89
N LYS D 41 14.17 2.68 -30.57
CA LYS D 41 13.38 3.47 -31.50
C LYS D 41 13.00 4.81 -30.85
N GLU D 42 12.61 5.77 -31.66
CA GLU D 42 12.07 7.03 -31.17
C GLU D 42 10.61 6.86 -30.77
N ARG D 43 10.16 7.61 -29.75
CA ARG D 43 8.79 7.54 -29.28
C ARG D 43 7.80 7.70 -30.45
N GLU D 44 6.54 7.30 -30.26
CA GLU D 44 5.61 7.24 -31.40
C GLU D 44 4.14 7.13 -30.99
N GLY D 45 3.28 7.86 -31.71
CA GLY D 45 1.85 7.73 -31.47
C GLY D 45 1.42 6.32 -31.87
N VAL D 46 0.54 5.71 -31.08
CA VAL D 46 0.06 4.34 -31.36
C VAL D 46 -1.39 4.39 -31.81
N ALA D 47 -2.24 5.00 -31.00
CA ALA D 47 -3.63 5.21 -31.34
C ALA D 47 -4.11 6.45 -30.62
N ALA D 48 -5.11 7.12 -31.17
CA ALA D 48 -5.71 8.26 -30.50
C ALA D 48 -7.22 8.18 -30.67
N ILE D 49 -7.96 8.78 -29.74
CA ILE D 49 -9.41 8.79 -29.87
C ILE D 49 -9.95 10.14 -29.41
N TYR D 50 -10.86 10.71 -30.20
CA TYR D 50 -11.44 12.01 -29.86
C TYR D 50 -12.53 11.80 -28.82
N THR D 51 -12.50 12.59 -27.75
CA THR D 51 -13.41 12.36 -26.62
C THR D 51 -14.87 12.59 -26.98
N GLY D 52 -15.12 13.52 -27.90
CA GLY D 52 -16.47 13.93 -28.19
C GLY D 52 -17.21 13.00 -29.16
N ASP D 53 -16.51 12.50 -30.18
CA ASP D 53 -17.19 11.72 -31.20
C ASP D 53 -16.64 10.30 -31.31
N GLY D 54 -15.61 10.00 -30.51
CA GLY D 54 -15.06 8.65 -30.53
C GLY D 54 -14.33 8.28 -31.82
N PHE D 55 -14.00 9.27 -32.65
CA PHE D 55 -13.22 8.97 -33.86
C PHE D 55 -11.81 8.53 -33.51
N PRO D 56 -11.34 7.41 -34.10
CA PRO D 56 -10.01 6.89 -33.76
C PRO D 56 -8.99 7.01 -34.87
N TYR D 57 -7.72 7.24 -34.50
CA TYR D 57 -6.60 7.13 -35.42
C TYR D 57 -5.68 5.99 -34.95
N TYR D 58 -5.05 5.30 -35.90
CA TYR D 58 -4.10 4.23 -35.55
C TYR D 58 -2.82 4.38 -36.36
N ALA D 59 -1.68 4.06 -35.74
CA ALA D 59 -0.41 3.95 -36.47
C ALA D 59 -0.52 2.81 -37.44
N ASP D 60 0.12 2.94 -38.60
CA ASP D 60 0.05 1.90 -39.63
C ASP D 60 0.38 0.51 -39.06
N SER D 61 1.31 0.45 -38.12
CA SER D 61 1.86 -0.84 -37.69
C SER D 61 0.94 -1.62 -36.77
N VAL D 62 -0.09 -0.96 -36.26
CA VAL D 62 -1.03 -1.61 -35.34
C VAL D 62 -2.46 -1.68 -35.88
N LYS D 63 -2.67 -1.11 -37.07
CA LYS D 63 -4.00 -1.15 -37.68
C LYS D 63 -4.51 -2.59 -37.81
N GLY D 64 -5.75 -2.81 -37.40
CA GLY D 64 -6.33 -4.15 -37.51
C GLY D 64 -5.97 -5.05 -36.34
N ARG D 65 -5.01 -4.64 -35.53
CA ARG D 65 -4.63 -5.44 -34.36
C ARG D 65 -4.99 -4.77 -33.04
N PHE D 66 -4.90 -3.44 -32.98
CA PHE D 66 -5.26 -2.67 -31.80
C PHE D 66 -6.58 -1.95 -31.98
N THR D 67 -7.33 -1.80 -30.89
CA THR D 67 -8.60 -1.10 -30.90
C THR D 67 -8.64 -0.15 -29.72
N ILE D 68 -8.83 1.14 -30.01
CA ILE D 68 -8.94 2.13 -28.94
C ILE D 68 -10.41 2.48 -28.79
N SER D 69 -10.86 2.63 -27.54
CA SER D 69 -12.26 2.92 -27.26
C SER D 69 -12.35 3.72 -25.97
N GLN D 70 -13.57 4.11 -25.60
CA GLN D 70 -13.72 4.88 -24.39
C GLN D 70 -15.08 4.73 -23.71
N ASP D 71 -15.09 5.09 -22.43
CA ASP D 71 -16.31 5.24 -21.67
C ASP D 71 -16.25 6.62 -20.99
N ASN D 72 -16.91 7.62 -21.59
CA ASN D 72 -16.87 8.99 -21.06
C ASN D 72 -17.51 9.08 -19.68
N ALA D 73 -18.43 8.17 -19.39
CA ALA D 73 -19.07 8.13 -18.08
C ALA D 73 -18.02 8.08 -16.97
N LYS D 74 -16.92 7.38 -17.25
CA LYS D 74 -15.85 7.18 -16.29
C LYS D 74 -14.59 7.94 -16.68
N ASN D 75 -14.71 8.80 -17.69
CA ASN D 75 -13.56 9.52 -18.24
C ASN D 75 -12.40 8.57 -18.50
N ARG D 76 -12.72 7.42 -19.08
CA ARG D 76 -11.77 6.31 -19.20
C ARG D 76 -11.59 5.88 -20.66
N MET D 77 -10.33 5.70 -21.08
CA MET D 77 -10.03 5.28 -22.43
C MET D 77 -9.31 3.93 -22.38
N TYR D 78 -9.57 3.07 -23.37
CA TYR D 78 -9.01 1.72 -23.39
C TYR D 78 -8.25 1.46 -24.69
N LEU D 79 -7.16 0.69 -24.58
CA LEU D 79 -6.47 0.18 -25.76
C LEU D 79 -6.47 -1.33 -25.70
N GLN D 80 -7.25 -1.96 -26.57
CA GLN D 80 -7.26 -3.41 -26.66
C GLN D 80 -6.16 -3.83 -27.63
N MET D 81 -5.10 -4.46 -27.11
CA MET D 81 -3.98 -4.88 -27.96
C MET D 81 -4.01 -6.37 -28.30
N ASN D 82 -4.39 -6.69 -29.53
CA ASN D 82 -4.51 -8.08 -29.95
C ASN D 82 -3.36 -8.50 -30.85
N SER D 83 -3.19 -9.81 -31.06
CA SER D 83 -2.20 -10.34 -32.00
C SER D 83 -0.83 -9.70 -31.76
N LEU D 84 -0.44 -9.64 -30.49
CA LEU D 84 0.79 -8.93 -30.11
C LEU D 84 2.04 -9.62 -30.68
N GLU D 85 3.02 -8.81 -31.08
CA GLU D 85 4.27 -9.33 -31.65
C GLU D 85 5.46 -8.81 -30.84
N PRO D 86 6.61 -9.49 -30.92
CA PRO D 86 7.75 -9.04 -30.12
C PRO D 86 8.02 -7.53 -30.31
N GLU D 87 7.90 -7.05 -31.54
CA GLU D 87 8.24 -5.64 -31.81
C GLU D 87 7.24 -4.65 -31.17
N ASP D 88 6.13 -5.16 -30.63
CA ASP D 88 5.22 -4.30 -29.85
C ASP D 88 5.75 -4.04 -28.43
N THR D 89 6.85 -4.67 -28.08
CA THR D 89 7.45 -4.45 -26.76
C THR D 89 7.85 -2.99 -26.61
N ALA D 90 7.41 -2.37 -25.52
CA ALA D 90 7.67 -0.95 -25.33
C ALA D 90 7.11 -0.42 -24.03
N MET D 91 7.51 0.80 -23.68
CA MET D 91 6.82 1.56 -22.66
C MET D 91 5.69 2.29 -23.34
N TYR D 92 4.47 2.08 -22.85
CA TYR D 92 3.29 2.75 -23.39
C TYR D 92 2.88 3.89 -22.47
N TYR D 93 2.64 5.06 -23.06
CA TYR D 93 2.32 6.25 -22.27
C TYR D 93 0.97 6.80 -22.67
N CYS D 94 0.12 7.09 -21.69
CA CYS D 94 -1.16 7.74 -21.99
C CYS D 94 -0.90 9.23 -22.19
N ALA D 95 -1.64 9.86 -23.10
CA ALA D 95 -1.48 11.28 -23.37
C ALA D 95 -2.85 11.91 -23.60
N ALA D 96 -2.98 13.20 -23.32
CA ALA D 96 -4.28 13.84 -23.46
C ALA D 96 -4.15 15.30 -23.89
N LYS D 97 -5.16 15.78 -24.62
CA LYS D 97 -5.27 17.18 -25.02
C LYS D 97 -6.53 17.77 -24.37
N THR D 98 -6.51 19.07 -24.13
CA THR D 98 -7.70 19.75 -23.64
C THR D 98 -8.23 20.74 -24.67
N GLY D 99 -7.60 20.77 -25.84
CA GLY D 99 -7.95 21.72 -26.89
C GLY D 99 -7.80 21.12 -28.27
N ALA D 100 -7.90 21.93 -29.33
CA ALA D 100 -7.79 21.40 -30.70
C ALA D 100 -6.34 21.19 -31.14
N PHE D 101 -6.15 20.49 -32.26
CA PHE D 101 -4.82 20.41 -32.87
C PHE D 101 -4.49 21.71 -33.59
N SER D 102 -3.28 22.22 -33.40
CA SER D 102 -2.83 23.38 -34.16
C SER D 102 -2.54 22.93 -35.59
N TYR D 103 -2.55 23.85 -36.55
CA TYR D 103 -2.16 23.50 -37.91
C TYR D 103 -0.74 22.95 -37.92
N GLY D 104 -0.51 21.86 -38.64
CA GLY D 104 0.82 21.29 -38.72
C GLY D 104 1.08 20.27 -37.63
N SER D 105 0.13 20.17 -36.70
CA SER D 105 0.23 19.24 -35.58
C SER D 105 -0.63 17.99 -35.84
N LEU D 106 0.02 16.83 -35.99
CA LEU D 106 -0.70 15.56 -36.26
C LEU D 106 -0.91 14.71 -34.99
N TRP D 107 -1.90 13.81 -35.06
CA TRP D 107 -2.30 13.06 -33.87
C TRP D 107 -1.16 12.29 -33.24
N TRP D 108 -0.17 11.92 -34.06
CA TRP D 108 0.93 11.08 -33.59
C TRP D 108 2.11 11.87 -33.04
N MET D 109 1.99 13.19 -33.02
CA MET D 109 3.10 14.03 -32.55
C MET D 109 3.00 14.30 -31.05
N SER D 110 4.04 13.92 -30.31
CA SER D 110 4.04 14.07 -28.86
C SER D 110 3.86 15.54 -28.47
N ARG D 111 4.36 16.45 -29.31
CA ARG D 111 4.28 17.86 -28.99
C ARG D 111 2.83 18.36 -28.95
N ALA D 112 1.92 17.61 -29.54
CA ALA D 112 0.53 18.06 -29.62
C ALA D 112 -0.20 17.86 -28.30
N TYR D 113 0.43 17.11 -27.39
CA TYR D 113 -0.21 16.75 -26.12
C TYR D 113 0.42 17.45 -24.93
N ASN D 114 -0.44 17.87 -24.01
CA ASN D 114 -0.04 18.68 -22.85
C ASN D 114 -0.03 17.89 -21.54
N HIS D 115 -0.59 16.68 -21.55
CA HIS D 115 -0.70 15.85 -20.35
C HIS D 115 -0.30 14.41 -20.61
N TRP D 116 0.43 13.81 -19.68
CA TRP D 116 1.01 12.49 -19.88
C TRP D 116 0.86 11.60 -18.66
N GLY D 117 0.69 10.31 -18.91
CA GLY D 117 0.73 9.29 -17.86
C GLY D 117 2.17 8.93 -17.56
N GLN D 118 2.39 8.05 -16.60
CA GLN D 118 3.75 7.78 -16.14
C GLN D 118 4.45 6.67 -16.94
N GLY D 119 3.69 5.94 -17.75
CA GLY D 119 4.27 4.93 -18.60
C GLY D 119 4.00 3.53 -18.08
N THR D 120 3.66 2.62 -18.99
CA THR D 120 3.33 1.25 -18.64
C THR D 120 4.15 0.27 -19.48
N GLN D 121 4.82 -0.66 -18.81
CA GLN D 121 5.67 -1.64 -19.52
C GLN D 121 4.85 -2.76 -20.13
N VAL D 122 5.14 -3.05 -21.40
CA VAL D 122 4.52 -4.15 -22.11
C VAL D 122 5.64 -4.95 -22.77
N THR D 123 5.70 -6.24 -22.47
CA THR D 123 6.79 -7.08 -22.97
C THR D 123 6.18 -8.25 -23.71
N VAL D 124 6.46 -8.35 -25.00
CA VAL D 124 5.94 -9.46 -25.80
C VAL D 124 7.11 -10.33 -26.20
N SER D 125 7.01 -11.63 -25.99
CA SER D 125 8.09 -12.49 -26.43
CA SER D 125 8.08 -12.55 -26.35
C SER D 125 7.60 -13.62 -27.32
N SER D 126 8.52 -14.14 -28.11
CA SER D 126 8.21 -15.15 -29.10
C SER D 126 7.87 -16.46 -28.43
N HIS D 127 7.33 -17.37 -29.22
CA HIS D 127 6.93 -18.70 -28.77
C HIS D 127 7.97 -19.74 -29.18
CL CL E . -40.05 38.62 -34.76
CL CL F . -19.38 32.96 -30.25
CL CL G . -11.96 22.66 -27.52
C1 GOL H . -28.04 24.46 -36.95
O1 GOL H . -28.88 25.20 -37.82
C2 GOL H . -28.50 23.00 -36.88
O2 GOL H . -28.85 22.72 -35.54
C3 GOL H . -29.70 22.72 -37.77
O3 GOL H . -29.71 23.55 -38.91
H11 GOL H . -27.01 24.50 -37.32
H12 GOL H . -28.07 24.90 -35.95
HO1 GOL H . -28.61 26.14 -37.80
H2 GOL H . -27.67 22.36 -37.18
HO2 GOL H . -29.61 23.28 -35.29
H31 GOL H . -29.67 21.68 -38.09
H32 GOL H . -30.62 22.87 -37.21
HO3 GOL H . -30.03 23.04 -39.69
CL CL I . 9.20 -12.72 15.00
C1 GOL J . -4.97 -5.50 29.36
O1 GOL J . -4.57 -6.77 28.89
C2 GOL J . -4.15 -5.13 30.58
O2 GOL J . -4.14 -3.72 30.64
C3 GOL J . -4.72 -5.76 31.85
O3 GOL J . -5.73 -6.70 31.52
H11 GOL J . -4.83 -4.76 28.58
H12 GOL J . -6.03 -5.53 29.63
HO1 GOL J . -5.15 -7.04 28.15
H2 GOL J . -3.12 -5.50 30.44
HO2 GOL J . -5.06 -3.40 30.74
H31 GOL J . -5.14 -4.97 32.48
H32 GOL J . -3.93 -6.25 32.40
HO3 GOL J . -5.44 -7.24 30.76
CL CL K . 4.92 3.37 38.13
CL CL L . 22.34 -8.69 36.97
CL CL M . 31.64 -36.85 48.11
#